data_3KQE
#
_entry.id   3KQE
#
_cell.length_a   56.700
_cell.length_b   72.200
_cell.length_c   77.800
_cell.angle_alpha   90.00
_cell.angle_beta   90.00
_cell.angle_gamma   90.00
#
_symmetry.space_group_name_H-M   'P 21 21 21'
#
loop_
_entity.id
_entity.type
_entity.pdbx_description
1 polymer 'factor Xa heavy chain'
2 polymer 'factor Xa light chain'
3 non-polymer "3-METHYL-1-(3-(5-OXO-4,5-DIHYDRO-1H-1,2,4-TRIAZOL-3-YL)PHENYL)-6-(2'-(PYRROLIDIN-1-YLMETHYL)BIPHENYL-4-YL)-5,6-DIHYDRO-1H-PYRAZOLO[3,4-C]PYRIDIN-7(4H)-ONE"
4 non-polymer 'SODIUM ION'
5 water water
#
loop_
_entity_poly.entity_id
_entity_poly.type
_entity_poly.pdbx_seq_one_letter_code
_entity_poly.pdbx_strand_id
1 'polypeptide(L)'
;IVGGQECKDGECPWQALLINEENEGFCGGTILSEFYILTAAHCLYQAKRFKVRVGDRNTEQEEGGEAVHEVEVVIKHNRF
TKETYDFDIAVLRLKTPITFRMNVAPACLPERDWAESTLMTQKTGIVSGFGRTHEKGRQSTRLKMLEVPYVDRNSCKLSS
SFIITQNMFCAGYDTKQEDACQGDSGGPHVTRFKDTYFVTGIVSWGEGCARKGKYGIYTKVTAFLKWIDRSMKT
;
A
2 'polypeptide(L)' KLCSLDNGDCDQFCHEEQNSVVCSCARGYTLADNGKACIPTGPYPCGKQTLE L
#
# COMPACT_ATOMS: atom_id res chain seq x y z
N ILE A 1 -11.79 -7.24 -2.81
CA ILE A 1 -11.09 -7.74 -4.01
C ILE A 1 -12.02 -8.70 -4.79
N VAL A 2 -12.16 -8.48 -6.08
CA VAL A 2 -12.94 -9.36 -6.93
C VAL A 2 -11.89 -10.27 -7.56
N GLY A 3 -12.08 -11.58 -7.41
CA GLY A 3 -11.10 -12.53 -7.92
C GLY A 3 -9.92 -12.58 -6.97
N GLY A 4 -8.75 -12.84 -7.51
CA GLY A 4 -7.56 -12.92 -6.68
C GLY A 4 -7.50 -14.15 -5.80
N GLN A 5 -6.70 -14.06 -4.75
CA GLN A 5 -6.46 -15.16 -3.82
C GLN A 5 -6.49 -14.67 -2.38
N GLU A 6 -6.75 -15.56 -1.47
CA GLU A 6 -6.70 -15.25 -0.04
C GLU A 6 -5.24 -14.95 0.35
N CYS A 7 -5.03 -14.02 1.32
CA CYS A 7 -3.69 -13.82 1.88
C CYS A 7 -3.49 -14.99 2.83
N LYS A 8 -2.47 -15.79 2.55
CA LYS A 8 -2.11 -16.93 3.41
C LYS A 8 -1.24 -16.39 4.55
N ASP A 9 -1.04 -17.20 5.59
CA ASP A 9 -0.28 -16.81 6.78
C ASP A 9 1.04 -16.11 6.46
N GLY A 10 1.15 -14.86 6.91
CA GLY A 10 2.33 -14.02 6.76
C GLY A 10 2.55 -13.38 5.40
N GLU A 11 1.63 -13.50 4.47
CA GLU A 11 1.82 -12.95 3.12
C GLU A 11 1.51 -11.45 2.98
N CYS A 12 0.58 -10.91 3.78
CA CYS A 12 0.14 -9.50 3.68
C CYS A 12 0.24 -8.85 5.05
N PRO A 13 1.44 -8.88 5.71
CA PRO A 13 1.51 -8.41 7.10
C PRO A 13 1.30 -6.93 7.33
N TRP A 14 1.47 -6.11 6.28
CA TRP A 14 1.31 -4.66 6.28
C TRP A 14 -0.15 -4.20 6.18
N GLN A 15 -1.11 -5.13 6.00
CA GLN A 15 -2.52 -4.78 5.90
C GLN A 15 -3.09 -4.32 7.24
N ALA A 16 -3.81 -3.19 7.18
CA ALA A 16 -4.52 -2.59 8.30
C ALA A 16 -5.94 -2.57 7.86
N LEU A 17 -6.86 -2.57 8.82
CA LEU A 17 -8.30 -2.52 8.57
C LEU A 17 -8.91 -1.45 9.44
N LEU A 18 -9.61 -0.50 8.82
CA LEU A 18 -10.31 0.56 9.56
C LEU A 18 -11.65 -0.02 9.95
N ILE A 19 -11.96 0.01 11.23
CA ILE A 19 -13.20 -0.53 11.79
C ILE A 19 -14.04 0.57 12.43
N ASN A 20 -15.35 0.55 12.18
CA ASN A 20 -16.26 1.54 12.75
C ASN A 20 -16.70 1.18 14.18
N GLU A 21 -17.61 2.01 14.75
CA GLU A 21 -18.21 1.86 16.07
C GLU A 21 -18.87 0.48 16.22
N GLU A 22 -19.50 -0.01 15.14
CA GLU A 22 -20.16 -1.31 15.03
C GLU A 22 -19.16 -2.48 14.85
N ASN A 23 -17.84 -2.20 14.89
CA ASN A 23 -16.74 -3.18 14.71
C ASN A 23 -16.66 -3.83 13.27
N GLU A 24 -17.19 -3.14 12.24
CA GLU A 24 -17.14 -3.63 10.88
C GLU A 24 -16.09 -2.86 10.09
N GLY A 25 -15.29 -3.60 9.31
CA GLY A 25 -14.26 -3.05 8.45
C GLY A 25 -14.89 -2.23 7.35
N PHE A 26 -14.33 -1.05 7.07
CA PHE A 26 -14.89 -0.20 6.01
C PHE A 26 -13.87 0.25 4.98
N CYS A 27 -12.60 0.35 5.40
CA CYS A 27 -11.48 0.76 4.55
C CYS A 27 -10.24 -0.01 4.99
N GLY A 28 -9.24 -0.05 4.10
CA GLY A 28 -7.96 -0.64 4.39
C GLY A 28 -6.96 0.44 4.76
N GLY A 29 -5.75 0.01 5.06
CA GLY A 29 -4.63 0.85 5.40
C GLY A 29 -3.32 0.09 5.24
N THR A 30 -2.21 0.82 5.18
CA THR A 30 -0.90 0.19 5.14
C THR A 30 -0.12 0.52 6.42
N ILE A 31 0.49 -0.48 7.06
CA ILE A 31 1.34 -0.28 8.22
C ILE A 31 2.68 0.27 7.70
N LEU A 32 3.08 1.48 8.16
CA LEU A 32 4.35 2.14 7.77
C LEU A 32 5.43 1.99 8.86
N SER A 33 4.99 2.00 10.13
CA SER A 33 5.88 1.85 11.28
C SER A 33 4.98 1.47 12.44
N GLU A 34 5.54 1.34 13.65
CA GLU A 34 4.75 0.93 14.81
C GLU A 34 3.67 1.92 15.21
N PHE A 35 3.84 3.19 14.86
CA PHE A 35 2.88 4.26 15.16
C PHE A 35 2.12 4.84 13.95
N TYR A 36 2.46 4.47 12.73
CA TYR A 36 1.80 5.05 11.55
C TYR A 36 1.11 4.15 10.56
N ILE A 37 -0.09 4.56 10.18
CA ILE A 37 -0.92 3.92 9.20
C ILE A 37 -1.13 4.91 8.06
N LEU A 38 -1.05 4.41 6.81
CA LEU A 38 -1.29 5.15 5.58
C LEU A 38 -2.67 4.70 5.09
N THR A 39 -3.57 5.66 4.73
CA THR A 39 -4.91 5.32 4.20
C THR A 39 -5.35 6.37 3.17
N ALA A 40 -6.59 6.25 2.64
CA ALA A 40 -7.15 7.25 1.72
C ALA A 40 -7.85 8.32 2.53
N ALA A 41 -7.80 9.60 2.09
CA ALA A 41 -8.48 10.70 2.80
C ALA A 41 -10.00 10.51 2.79
N HIS A 42 -10.56 10.04 1.66
CA HIS A 42 -12.00 9.84 1.51
C HIS A 42 -12.57 8.86 2.51
N CYS A 43 -11.74 7.92 3.01
CA CYS A 43 -12.08 6.92 4.02
C CYS A 43 -12.51 7.55 5.34
N LEU A 44 -11.96 8.72 5.65
CA LEU A 44 -12.23 9.45 6.88
C LEU A 44 -13.68 9.99 6.96
N TYR A 45 -14.44 9.93 5.85
CA TYR A 45 -15.84 10.34 5.79
C TYR A 45 -16.78 9.15 5.97
N GLN A 46 -16.25 7.91 5.85
CA GLN A 46 -17.03 6.68 5.95
C GLN A 46 -17.48 6.33 7.36
N ALA A 47 -16.87 6.96 8.40
CA ALA A 47 -17.16 6.72 9.82
C ALA A 47 -16.75 7.89 10.72
N LYS A 48 -17.62 8.22 11.70
CA LYS A 48 -17.44 9.31 12.67
C LYS A 48 -16.26 9.00 13.60
N ARG A 49 -16.27 7.80 14.19
CA ARG A 49 -15.19 7.33 15.07
C ARG A 49 -14.73 5.99 14.53
N PHE A 50 -13.40 5.78 14.47
CA PHE A 50 -12.87 4.51 13.99
C PHE A 50 -11.57 4.11 14.66
N LYS A 51 -11.35 2.78 14.73
CA LYS A 51 -10.11 2.19 15.24
C LYS A 51 -9.39 1.44 14.10
N VAL A 52 -8.19 0.96 14.40
CA VAL A 52 -7.37 0.29 13.41
C VAL A 52 -7.07 -1.14 13.85
N ARG A 53 -7.57 -2.11 13.10
CA ARG A 53 -7.28 -3.50 13.37
C ARG A 53 -6.06 -3.94 12.52
N VAL A 54 -5.07 -4.63 13.16
CA VAL A 54 -3.88 -5.20 12.50
C VAL A 54 -3.82 -6.74 12.74
N GLY A 55 -3.03 -7.44 11.92
CA GLY A 55 -2.82 -8.88 12.05
C GLY A 55 -4.07 -9.73 11.87
N ASP A 56 -5.13 -9.11 11.34
CA ASP A 56 -6.40 -9.76 11.07
C ASP A 56 -6.37 -10.29 9.65
N ARG A 57 -6.82 -11.52 9.48
CA ARG A 57 -6.84 -12.17 8.18
C ARG A 57 -8.22 -12.67 7.88
N ASN A 58 -9.00 -12.93 8.93
CA ASN A 58 -10.36 -13.46 8.91
C ASN A 58 -11.11 -12.76 10.04
N THR A 59 -12.08 -11.90 9.70
CA THR A 59 -12.86 -11.14 10.68
C THR A 59 -13.79 -11.99 11.57
N GLU A 60 -14.24 -13.17 11.11
CA GLU A 60 -15.14 -14.04 11.85
C GLU A 60 -14.48 -14.65 13.08
N GLN A 61 -13.17 -14.94 12.99
CA GLN A 61 -12.42 -15.59 14.05
C GLN A 61 -11.35 -14.73 14.69
N GLU A 62 -11.41 -14.59 16.03
CA GLU A 62 -10.41 -13.87 16.80
C GLU A 62 -9.15 -14.75 16.80
N GLU A 63 -8.13 -14.31 16.06
CA GLU A 63 -6.86 -15.02 15.86
C GLU A 63 -5.95 -15.03 17.08
N GLY A 64 -6.07 -14.00 17.93
CA GLY A 64 -5.21 -13.83 19.10
C GLY A 64 -4.07 -12.89 18.78
N GLY A 65 -3.49 -13.07 17.58
CA GLY A 65 -2.40 -12.24 17.05
C GLY A 65 -2.88 -10.87 16.54
N GLU A 66 -4.21 -10.72 16.45
CA GLU A 66 -4.91 -9.49 16.07
C GLU A 66 -4.80 -8.49 17.20
N ALA A 67 -4.64 -7.21 16.85
CA ALA A 67 -4.60 -6.15 17.83
C ALA A 67 -5.39 -4.96 17.28
N VAL A 68 -6.15 -4.29 18.19
CA VAL A 68 -6.93 -3.10 17.90
C VAL A 68 -6.17 -1.92 18.48
N HIS A 69 -6.01 -0.89 17.66
CA HIS A 69 -5.30 0.32 17.99
C HIS A 69 -6.18 1.52 17.76
N GLU A 70 -6.14 2.45 18.71
CA GLU A 70 -6.87 3.69 18.69
C GLU A 70 -6.04 4.71 17.99
N VAL A 71 -6.70 5.66 17.34
CA VAL A 71 -6.05 6.71 16.59
C VAL A 71 -5.88 7.94 17.49
N GLU A 72 -4.65 8.44 17.58
CA GLU A 72 -4.36 9.65 18.33
C GLU A 72 -4.59 10.85 17.42
N VAL A 73 -3.86 10.88 16.29
CA VAL A 73 -3.86 11.97 15.33
C VAL A 73 -4.25 11.48 13.94
N VAL A 74 -5.14 12.23 13.27
CA VAL A 74 -5.55 12.01 11.89
C VAL A 74 -4.88 13.16 11.11
N ILE A 75 -3.94 12.82 10.20
CA ILE A 75 -3.23 13.81 9.39
C ILE A 75 -3.76 13.70 7.97
N LYS A 76 -4.78 14.49 7.66
CA LYS A 76 -5.48 14.50 6.37
C LYS A 76 -4.90 15.58 5.44
N HIS A 77 -4.79 15.25 4.13
CA HIS A 77 -4.29 16.18 3.11
C HIS A 77 -5.33 17.27 2.81
N ASN A 78 -4.98 18.54 3.13
CA ASN A 78 -5.83 19.72 2.92
C ASN A 78 -6.35 19.91 1.48
N ARG A 79 -5.62 19.40 0.50
CA ARG A 79 -6.00 19.56 -0.91
C ARG A 79 -7.02 18.53 -1.37
N PHE A 80 -7.44 17.59 -0.47
CA PHE A 80 -8.42 16.58 -0.86
C PHE A 80 -9.84 17.15 -0.97
N THR A 81 -10.55 16.74 -2.03
CA THR A 81 -11.93 17.11 -2.30
C THR A 81 -12.62 15.97 -2.99
N LYS A 82 -13.87 15.70 -2.58
CA LYS A 82 -14.70 14.66 -3.18
C LYS A 82 -15.05 14.96 -4.65
N GLU A 83 -14.85 16.23 -5.08
CA GLU A 83 -15.17 16.67 -6.44
C GLU A 83 -14.22 16.08 -7.46
N THR A 84 -12.94 15.90 -7.08
CA THR A 84 -11.90 15.38 -7.98
C THR A 84 -11.26 14.07 -7.50
N TYR A 85 -11.38 13.77 -6.18
CA TYR A 85 -10.72 12.65 -5.54
C TYR A 85 -9.21 12.77 -5.58
N ASP A 86 -8.69 13.98 -5.92
CA ASP A 86 -7.25 14.26 -5.97
C ASP A 86 -6.73 14.30 -4.55
N PHE A 87 -5.42 14.06 -4.38
CA PHE A 87 -4.77 14.07 -3.06
C PHE A 87 -5.43 13.11 -2.04
N ASP A 88 -5.93 11.93 -2.52
CA ASP A 88 -6.62 10.95 -1.68
C ASP A 88 -5.61 10.19 -0.83
N ILE A 89 -5.11 10.86 0.22
CA ILE A 89 -4.09 10.35 1.15
C ILE A 89 -4.33 10.93 2.53
N ALA A 90 -4.02 10.12 3.54
CA ALA A 90 -4.07 10.49 4.94
C ALA A 90 -3.10 9.55 5.69
N VAL A 91 -2.56 10.05 6.79
CA VAL A 91 -1.68 9.33 7.70
C VAL A 91 -2.33 9.31 9.06
N LEU A 92 -2.36 8.14 9.70
CA LEU A 92 -2.93 8.01 11.02
C LEU A 92 -1.82 7.69 12.01
N ARG A 93 -1.72 8.46 13.10
CA ARG A 93 -0.78 8.16 14.19
C ARG A 93 -1.57 7.44 15.27
N LEU A 94 -1.08 6.30 15.68
CA LEU A 94 -1.75 5.52 16.72
C LEU A 94 -1.38 5.96 18.13
N LYS A 95 -2.26 5.65 19.10
CA LYS A 95 -2.05 5.97 20.51
C LYS A 95 -0.97 5.03 21.06
N THR A 96 -1.04 3.76 20.66
CA THR A 96 -0.11 2.73 21.13
C THR A 96 0.67 2.13 19.96
N PRO A 97 1.96 1.75 20.14
CA PRO A 97 2.70 1.16 19.02
C PRO A 97 2.23 -0.26 18.67
N ILE A 98 2.26 -0.59 17.37
CA ILE A 98 1.93 -1.90 16.86
C ILE A 98 3.04 -2.88 17.28
N THR A 99 2.64 -4.12 17.69
CA THR A 99 3.58 -5.18 18.02
C THR A 99 3.78 -6.00 16.74
N PHE A 100 4.98 -5.95 16.19
CA PHE A 100 5.31 -6.70 14.98
C PHE A 100 5.50 -8.16 15.34
N ARG A 101 4.87 -9.05 14.58
CA ARG A 101 4.79 -10.50 14.78
C ARG A 101 4.34 -11.13 13.46
N MET A 102 3.96 -12.43 13.42
CA MET A 102 3.48 -13.04 12.18
C MET A 102 2.21 -12.32 11.76
N ASN A 103 2.14 -11.91 10.49
CA ASN A 103 1.01 -11.14 9.95
C ASN A 103 0.98 -9.70 10.41
N VAL A 104 2.04 -9.24 11.14
CA VAL A 104 2.08 -7.84 11.53
C VAL A 104 3.49 -7.33 11.31
N ALA A 105 3.70 -6.58 10.23
CA ALA A 105 5.00 -6.02 9.83
C ALA A 105 4.78 -4.88 8.89
N PRO A 106 5.61 -3.83 8.91
CA PRO A 106 5.36 -2.69 8.03
C PRO A 106 5.87 -2.89 6.60
N ALA A 107 5.31 -2.11 5.67
CA ALA A 107 5.80 -2.12 4.28
C ALA A 107 6.87 -1.04 4.19
N CYS A 108 7.83 -1.21 3.27
CA CYS A 108 8.87 -0.22 3.08
C CYS A 108 8.36 0.98 2.30
N LEU A 109 8.88 2.13 2.67
CA LEU A 109 8.66 3.39 1.95
C LEU A 109 9.85 3.53 1.03
N PRO A 110 9.64 3.61 -0.27
CA PRO A 110 10.81 3.75 -1.15
C PRO A 110 11.28 5.22 -1.24
N GLU A 111 12.40 5.45 -1.94
CA GLU A 111 12.87 6.82 -2.22
C GLU A 111 12.17 7.21 -3.51
N ARG A 112 11.82 8.49 -3.70
CA ARG A 112 11.07 8.97 -4.87
C ARG A 112 11.52 8.55 -6.26
N ASP A 113 12.75 8.94 -6.68
CA ASP A 113 13.26 8.61 -8.03
C ASP A 113 13.35 7.11 -8.31
N TRP A 114 13.92 6.37 -7.35
CA TRP A 114 14.06 4.93 -7.49
C TRP A 114 12.70 4.25 -7.61
N ALA A 115 11.72 4.64 -6.78
CA ALA A 115 10.37 4.11 -6.87
C ALA A 115 9.79 4.34 -8.27
N GLU A 116 10.00 5.53 -8.84
CA GLU A 116 9.49 5.89 -10.18
C GLU A 116 10.19 5.14 -11.29
N SER A 117 11.53 5.04 -11.23
CA SER A 117 12.28 4.37 -12.31
C SER A 117 12.36 2.86 -12.18
N THR A 118 12.33 2.33 -10.95
CA THR A 118 12.50 0.90 -10.70
C THR A 118 11.26 0.20 -10.23
N LEU A 119 10.46 0.80 -9.32
CA LEU A 119 9.23 0.13 -8.88
C LEU A 119 8.07 0.30 -9.82
N MET A 120 7.77 1.54 -10.24
CA MET A 120 6.64 1.85 -11.13
C MET A 120 6.76 1.19 -12.50
N THR A 121 8.00 0.87 -12.92
CA THR A 121 8.32 0.25 -14.21
C THR A 121 8.27 -1.28 -14.20
N GLN A 122 7.98 -1.91 -13.05
CA GLN A 122 7.81 -3.38 -12.96
C GLN A 122 6.49 -3.71 -13.65
N LYS A 123 6.32 -4.95 -14.09
CA LYS A 123 5.11 -5.36 -14.77
C LYS A 123 3.87 -5.22 -13.87
N THR A 124 3.99 -5.62 -12.60
CA THR A 124 2.88 -5.62 -11.65
C THR A 124 3.21 -5.16 -10.22
N GLY A 125 2.13 -4.91 -9.47
CA GLY A 125 2.07 -4.66 -8.05
C GLY A 125 1.01 -5.61 -7.46
N ILE A 126 0.86 -5.60 -6.13
CA ILE A 126 -0.14 -6.44 -5.45
C ILE A 126 -1.03 -5.52 -4.67
N VAL A 127 -2.34 -5.62 -4.90
CA VAL A 127 -3.32 -4.89 -4.12
C VAL A 127 -3.95 -5.89 -3.14
N SER A 128 -4.38 -5.46 -1.94
CA SER A 128 -5.02 -6.37 -0.99
C SER A 128 -6.09 -5.68 -0.18
N GLY A 129 -7.04 -6.44 0.38
CA GLY A 129 -8.07 -5.91 1.27
C GLY A 129 -9.22 -6.84 1.61
N PHE A 130 -10.11 -6.33 2.49
CA PHE A 130 -11.33 -6.97 2.98
C PHE A 130 -12.58 -6.42 2.28
N GLY A 131 -12.39 -5.73 1.15
CA GLY A 131 -13.47 -5.14 0.38
C GLY A 131 -14.35 -6.14 -0.35
N ARG A 132 -15.37 -5.64 -1.01
CA ARG A 132 -16.35 -6.45 -1.75
C ARG A 132 -15.74 -7.44 -2.70
N THR A 133 -16.32 -8.65 -2.74
CA THR A 133 -15.86 -9.75 -3.61
C THR A 133 -16.56 -9.76 -4.99
N HIS A 134 -17.64 -8.97 -5.11
CA HIS A 134 -18.40 -8.74 -6.34
C HIS A 134 -18.87 -7.28 -6.23
N GLU A 135 -18.96 -6.55 -7.36
CA GLU A 135 -19.36 -5.14 -7.37
C GLU A 135 -20.54 -4.89 -6.44
N LYS A 136 -21.58 -5.73 -6.54
CA LYS A 136 -22.71 -5.70 -5.63
C LYS A 136 -22.45 -6.85 -4.64
N GLY A 137 -22.04 -6.51 -3.43
CA GLY A 137 -21.76 -7.50 -2.40
C GLY A 137 -21.50 -6.96 -1.01
N ARG A 138 -21.25 -7.89 -0.09
CA ARG A 138 -20.93 -7.62 1.30
C ARG A 138 -19.39 -7.51 1.40
N GLN A 139 -18.90 -6.87 2.48
CA GLN A 139 -17.47 -6.77 2.80
C GLN A 139 -16.95 -8.20 3.02
N SER A 140 -15.74 -8.53 2.53
CA SER A 140 -15.16 -9.86 2.71
C SER A 140 -14.76 -10.06 4.18
N THR A 141 -14.90 -11.30 4.68
CA THR A 141 -14.49 -11.62 6.05
C THR A 141 -13.04 -12.09 6.05
N ARG A 142 -12.51 -12.39 4.85
CA ARG A 142 -11.16 -12.86 4.56
C ARG A 142 -10.38 -11.82 3.79
N LEU A 143 -9.13 -11.71 4.19
CA LEU A 143 -8.20 -10.81 3.54
C LEU A 143 -7.78 -11.44 2.23
N LYS A 144 -7.99 -10.69 1.15
CA LYS A 144 -7.61 -11.14 -0.18
C LYS A 144 -6.51 -10.28 -0.76
N MET A 145 -5.81 -10.83 -1.74
CA MET A 145 -4.76 -10.14 -2.48
C MET A 145 -4.93 -10.40 -3.99
N LEU A 146 -4.36 -9.52 -4.81
CA LEU A 146 -4.44 -9.62 -6.26
C LEU A 146 -3.28 -8.93 -6.92
N GLU A 147 -2.60 -9.67 -7.79
CA GLU A 147 -1.51 -9.14 -8.61
C GLU A 147 -2.20 -8.39 -9.74
N VAL A 148 -1.85 -7.11 -9.92
CA VAL A 148 -2.43 -6.21 -10.92
C VAL A 148 -1.35 -5.59 -11.79
N PRO A 149 -1.46 -5.70 -13.14
CA PRO A 149 -0.46 -5.09 -14.02
C PRO A 149 -0.44 -3.57 -13.90
N TYR A 150 0.74 -2.98 -14.06
CA TYR A 150 0.81 -1.52 -14.10
C TYR A 150 0.20 -1.13 -15.45
N VAL A 151 -0.65 -0.13 -15.46
CA VAL A 151 -1.29 0.32 -16.70
C VAL A 151 -0.63 1.60 -17.22
N ASP A 152 -0.41 1.63 -18.54
CA ASP A 152 0.15 2.75 -19.29
C ASP A 152 -0.74 3.96 -19.00
N ARG A 153 -0.09 5.06 -18.66
CA ARG A 153 -0.70 6.33 -18.31
C ARG A 153 -1.72 6.86 -19.35
N ASN A 154 -1.44 6.69 -20.66
CA ASN A 154 -2.34 7.12 -21.75
C ASN A 154 -3.62 6.27 -21.76
N SER A 155 -3.48 4.92 -21.73
CA SER A 155 -4.59 3.95 -21.69
C SER A 155 -5.49 4.20 -20.50
N CYS A 156 -4.87 4.53 -19.35
CA CYS A 156 -5.51 4.84 -18.08
C CYS A 156 -6.50 6.02 -18.25
N LYS A 157 -6.01 7.15 -18.80
CA LYS A 157 -6.83 8.34 -19.01
C LYS A 157 -7.94 8.11 -20.05
N LEU A 158 -7.65 7.32 -21.10
CA LEU A 158 -8.65 6.98 -22.13
C LEU A 158 -9.77 6.09 -21.57
N SER A 159 -9.44 5.25 -20.58
CA SER A 159 -10.38 4.32 -19.94
C SER A 159 -11.36 4.99 -19.02
N SER A 160 -11.04 6.20 -18.55
CA SER A 160 -11.81 6.90 -17.53
C SER A 160 -12.71 8.02 -18.02
N SER A 161 -13.82 8.18 -17.29
CA SER A 161 -14.83 9.21 -17.44
C SER A 161 -14.36 10.46 -16.69
N PHE A 162 -13.52 10.24 -15.65
CA PHE A 162 -13.02 11.30 -14.77
C PHE A 162 -11.58 11.67 -15.06
N ILE A 163 -11.14 12.85 -14.57
CA ILE A 163 -9.77 13.30 -14.74
C ILE A 163 -8.83 12.46 -13.81
N ILE A 164 -7.81 11.85 -14.43
CA ILE A 164 -6.74 11.08 -13.79
C ILE A 164 -5.60 12.07 -13.62
N THR A 165 -5.44 12.58 -12.40
CA THR A 165 -4.38 13.52 -12.10
C THR A 165 -3.00 12.83 -11.99
N GLN A 166 -1.95 13.66 -11.82
CA GLN A 166 -0.59 13.17 -11.66
C GLN A 166 -0.39 12.50 -10.32
N ASN A 167 -1.32 12.69 -9.35
CA ASN A 167 -1.20 12.01 -8.05
C ASN A 167 -1.89 10.63 -8.10
N MET A 168 -2.40 10.23 -9.27
CA MET A 168 -3.07 8.96 -9.42
C MET A 168 -2.35 8.07 -10.47
N PHE A 169 -2.63 6.76 -10.44
CA PHE A 169 -2.19 5.79 -11.44
C PHE A 169 -3.22 4.64 -11.54
N CYS A 170 -3.24 3.95 -12.69
CA CYS A 170 -4.08 2.83 -13.00
C CYS A 170 -3.32 1.57 -12.82
N ALA A 171 -4.04 0.55 -12.43
CA ALA A 171 -3.55 -0.80 -12.34
C ALA A 171 -4.77 -1.71 -12.49
N GLY A 172 -4.57 -2.81 -13.16
CA GLY A 172 -5.64 -3.76 -13.37
C GLY A 172 -5.57 -4.40 -14.73
N TYR A 173 -6.70 -4.94 -15.16
CA TYR A 173 -6.87 -5.67 -16.39
C TYR A 173 -7.96 -5.02 -17.21
N ASP A 174 -7.81 -5.06 -18.54
CA ASP A 174 -8.80 -4.51 -19.46
C ASP A 174 -9.92 -5.54 -19.65
N THR A 175 -9.56 -6.86 -19.70
CA THR A 175 -10.53 -7.93 -19.94
C THR A 175 -10.79 -8.85 -18.74
N LYS A 176 -9.70 -9.35 -18.09
CA LYS A 176 -9.76 -10.21 -16.91
C LYS A 176 -10.55 -9.52 -15.78
N GLN A 177 -11.65 -10.15 -15.34
CA GLN A 177 -12.60 -9.61 -14.36
C GLN A 177 -12.26 -9.80 -12.87
N GLU A 178 -11.14 -9.17 -12.50
CA GLU A 178 -10.54 -9.19 -11.18
C GLU A 178 -9.96 -7.83 -10.94
N ASP A 179 -10.35 -7.23 -9.79
CA ASP A 179 -9.85 -5.94 -9.36
C ASP A 179 -10.25 -5.67 -7.96
N ALA A 180 -9.80 -4.54 -7.41
CA ALA A 180 -10.15 -4.09 -6.06
C ALA A 180 -11.59 -3.58 -6.15
N CYS A 181 -12.24 -3.40 -5.00
CA CYS A 181 -13.63 -2.94 -4.97
C CYS A 181 -13.84 -2.09 -3.74
N GLN A 182 -15.06 -1.56 -3.55
CA GLN A 182 -15.49 -0.76 -2.40
C GLN A 182 -15.13 -1.51 -1.13
N GLY A 183 -14.45 -0.80 -0.23
CA GLY A 183 -13.97 -1.38 1.02
C GLY A 183 -12.48 -1.69 0.99
N ASP A 184 -11.87 -1.83 -0.20
CA ASP A 184 -10.41 -2.03 -0.35
C ASP A 184 -9.69 -0.67 -0.26
N SER A 185 -10.46 0.43 -0.36
CA SER A 185 -10.03 1.82 -0.30
C SER A 185 -9.13 2.08 0.90
N GLY A 186 -8.07 2.86 0.67
CA GLY A 186 -7.07 3.16 1.69
C GLY A 186 -6.07 2.03 1.91
N GLY A 187 -6.33 0.85 1.33
CA GLY A 187 -5.49 -0.34 1.48
C GLY A 187 -4.18 -0.32 0.70
N PRO A 188 -3.32 -1.37 0.86
CA PRO A 188 -2.01 -1.36 0.16
C PRO A 188 -1.98 -1.74 -1.30
N HIS A 189 -1.11 -1.09 -2.06
CA HIS A 189 -0.66 -1.46 -3.39
C HIS A 189 0.83 -1.46 -3.15
N VAL A 190 1.42 -2.63 -3.19
CA VAL A 190 2.83 -2.86 -2.96
C VAL A 190 3.47 -3.46 -4.22
N THR A 191 4.73 -3.14 -4.43
CA THR A 191 5.54 -3.65 -5.53
C THR A 191 6.74 -4.32 -4.92
N ARG A 192 6.93 -5.58 -5.29
CA ARG A 192 8.04 -6.40 -4.84
C ARG A 192 9.24 -6.09 -5.69
N PHE A 193 10.37 -5.87 -5.01
CA PHE A 193 11.69 -5.73 -5.62
C PHE A 193 12.63 -6.58 -4.79
N LYS A 194 13.24 -7.63 -5.39
CA LYS A 194 14.16 -8.61 -4.75
C LYS A 194 13.66 -9.12 -3.41
N ASP A 195 12.40 -9.59 -3.33
CA ASP A 195 11.83 -10.10 -2.07
C ASP A 195 11.47 -9.04 -0.98
N THR A 196 11.52 -7.78 -1.34
CA THR A 196 11.16 -6.69 -0.43
C THR A 196 10.00 -5.95 -1.06
N TYR A 197 8.91 -5.81 -0.30
CA TYR A 197 7.66 -5.19 -0.71
C TYR A 197 7.64 -3.71 -0.31
N PHE A 198 7.57 -2.83 -1.30
CA PHE A 198 7.55 -1.40 -1.05
C PHE A 198 6.16 -0.89 -1.35
N VAL A 199 5.63 0.00 -0.49
CA VAL A 199 4.31 0.60 -0.73
C VAL A 199 4.33 1.63 -1.86
N THR A 200 3.53 1.35 -2.90
CA THR A 200 3.49 2.14 -4.12
C THR A 200 2.18 2.87 -4.34
N GLY A 201 1.11 2.37 -3.74
CA GLY A 201 -0.19 3.02 -3.91
C GLY A 201 -1.16 2.84 -2.76
N ILE A 202 -2.21 3.65 -2.78
CA ILE A 202 -3.31 3.61 -1.83
C ILE A 202 -4.55 3.38 -2.70
N VAL A 203 -5.28 2.26 -2.48
CA VAL A 203 -6.51 2.01 -3.26
C VAL A 203 -7.36 3.29 -3.12
N SER A 204 -7.66 3.95 -4.25
CA SER A 204 -8.42 5.20 -4.18
C SER A 204 -9.87 5.03 -4.68
N TRP A 205 -10.07 4.74 -5.96
CA TRP A 205 -11.41 4.62 -6.53
C TRP A 205 -11.41 3.82 -7.83
N GLY A 206 -12.56 3.60 -8.40
CA GLY A 206 -12.73 2.92 -9.67
C GLY A 206 -14.15 3.04 -10.12
N GLU A 207 -14.41 2.89 -11.41
CA GLU A 207 -15.78 2.96 -11.94
C GLU A 207 -16.37 1.55 -11.79
N GLY A 208 -17.02 1.32 -10.66
CA GLY A 208 -17.46 -0.02 -10.31
C GLY A 208 -16.26 -0.90 -10.04
N CYS A 209 -16.44 -2.24 -10.09
CA CYS A 209 -15.30 -3.13 -9.81
C CYS A 209 -15.17 -4.18 -10.85
N ALA A 210 -13.94 -4.42 -11.29
CA ALA A 210 -13.56 -5.44 -12.25
C ALA A 210 -14.20 -5.30 -13.64
N ARG A 211 -14.83 -4.12 -13.93
CA ARG A 211 -15.46 -3.87 -15.22
C ARG A 211 -14.43 -3.83 -16.35
N LYS A 212 -14.78 -4.47 -17.49
CA LYS A 212 -13.96 -4.54 -18.70
C LYS A 212 -13.68 -3.13 -19.25
N GLY A 213 -12.44 -2.89 -19.66
CA GLY A 213 -11.97 -1.59 -20.14
C GLY A 213 -11.74 -0.56 -19.06
N LYS A 214 -11.91 -0.96 -17.78
CA LYS A 214 -11.69 -0.06 -16.63
C LYS A 214 -10.61 -0.63 -15.72
N TYR A 215 -10.06 0.21 -14.83
CA TYR A 215 -8.98 -0.19 -13.91
C TYR A 215 -9.19 0.33 -12.49
N GLY A 216 -8.32 -0.14 -11.59
CA GLY A 216 -8.26 0.40 -10.24
C GLY A 216 -7.45 1.67 -10.27
N ILE A 217 -7.93 2.71 -9.56
CA ILE A 217 -7.22 4.01 -9.46
C ILE A 217 -6.61 4.09 -8.08
N TYR A 218 -5.32 4.40 -8.06
CA TYR A 218 -4.53 4.47 -6.83
C TYR A 218 -3.92 5.82 -6.65
N THR A 219 -3.70 6.24 -5.39
CA THR A 219 -2.97 7.45 -5.08
C THR A 219 -1.49 7.04 -5.23
N LYS A 220 -0.74 7.82 -6.03
CA LYS A 220 0.67 7.60 -6.29
C LYS A 220 1.44 8.00 -5.03
N VAL A 221 1.86 7.01 -4.25
CA VAL A 221 2.62 7.20 -3.02
C VAL A 221 3.90 8.03 -3.20
N THR A 222 4.61 7.91 -4.35
CA THR A 222 5.84 8.68 -4.63
C THR A 222 5.63 10.17 -4.57
N ALA A 223 4.46 10.65 -5.00
CA ALA A 223 4.08 12.06 -5.03
C ALA A 223 3.87 12.68 -3.64
N PHE A 224 3.90 11.88 -2.55
CA PHE A 224 3.62 12.35 -1.19
C PHE A 224 4.62 11.91 -0.12
N LEU A 225 5.78 11.39 -0.54
CA LEU A 225 6.82 10.89 0.37
C LEU A 225 7.34 11.90 1.40
N LYS A 226 7.52 13.16 0.97
CA LYS A 226 7.98 14.22 1.88
C LYS A 226 6.85 14.62 2.81
N TRP A 227 5.63 14.68 2.28
CA TRP A 227 4.43 14.95 3.06
C TRP A 227 4.29 13.82 4.12
N ILE A 228 4.45 12.53 3.69
CA ILE A 228 4.42 11.32 4.54
C ILE A 228 5.52 11.43 5.60
N ASP A 229 6.77 11.73 5.18
CA ASP A 229 7.88 11.87 6.09
C ASP A 229 7.63 12.94 7.14
N ARG A 230 7.15 14.11 6.72
CA ARG A 230 6.80 15.23 7.58
C ARG A 230 5.74 14.85 8.60
N SER A 231 4.71 14.06 8.16
CA SER A 231 3.61 13.60 9.01
C SER A 231 4.07 12.68 10.14
N MET A 232 5.12 11.89 9.91
CA MET A 232 5.68 10.93 10.88
C MET A 232 6.58 11.60 11.92
N LYS A 233 6.77 12.93 11.79
CA LYS A 233 7.54 13.75 12.72
C LYS A 233 6.55 14.46 13.69
N THR A 234 5.23 14.42 13.36
CA THR A 234 4.11 14.99 14.14
C THR A 234 3.05 13.92 14.53
N LYS B 1 25.48 2.09 -18.15
CA LYS B 1 24.13 1.77 -17.72
C LYS B 1 23.93 2.04 -16.23
N LEU B 2 24.91 1.64 -15.39
CA LEU B 2 24.91 1.84 -13.95
C LEU B 2 23.64 1.27 -13.28
N CYS B 3 22.77 2.12 -12.68
CA CYS B 3 21.48 1.72 -12.06
C CYS B 3 20.50 1.10 -13.07
N SER B 4 20.65 1.36 -14.37
CA SER B 4 19.75 0.79 -15.39
C SER B 4 20.11 -0.65 -15.73
N LEU B 5 21.32 -1.05 -15.34
CA LEU B 5 21.81 -2.40 -15.52
C LEU B 5 21.61 -3.09 -14.17
N ASP B 6 20.52 -3.87 -14.07
CA ASP B 6 20.11 -4.67 -12.93
C ASP B 6 20.19 -3.93 -11.60
N ASN B 7 19.62 -2.71 -11.55
CA ASN B 7 19.57 -1.89 -10.35
C ASN B 7 20.96 -1.58 -9.74
N GLY B 8 22.00 -1.66 -10.58
CA GLY B 8 23.40 -1.40 -10.19
C GLY B 8 23.91 -2.45 -9.23
N ASP B 9 23.23 -3.64 -9.28
CA ASP B 9 23.48 -4.80 -8.40
C ASP B 9 23.09 -4.45 -6.95
N CYS B 10 22.28 -3.40 -6.76
CA CYS B 10 21.84 -2.98 -5.42
C CYS B 10 20.70 -3.83 -4.95
N ASP B 11 20.60 -4.06 -3.64
CA ASP B 11 19.49 -4.81 -3.09
C ASP B 11 18.23 -3.93 -3.13
N GLN B 12 18.40 -2.62 -2.88
CA GLN B 12 17.30 -1.69 -2.81
C GLN B 12 17.57 -0.43 -3.63
N PHE B 13 17.76 0.71 -2.96
CA PHE B 13 17.95 1.97 -3.65
C PHE B 13 19.25 2.12 -4.44
N CYS B 14 19.13 2.53 -5.69
CA CYS B 14 20.26 2.79 -6.55
C CYS B 14 20.28 4.27 -6.97
N HIS B 15 21.43 4.92 -6.76
CA HIS B 15 21.71 6.30 -7.15
C HIS B 15 23.00 6.33 -7.97
N GLU B 16 23.15 7.37 -8.79
CA GLU B 16 24.36 7.60 -9.57
C GLU B 16 25.01 8.86 -9.01
N GLU B 17 26.29 8.75 -8.63
CA GLU B 17 27.08 9.84 -8.08
C GLU B 17 28.46 9.76 -8.69
N GLN B 18 28.94 10.89 -9.27
CA GLN B 18 30.26 11.04 -9.90
C GLN B 18 30.50 9.92 -10.95
N ASN B 19 29.43 9.61 -11.72
CA ASN B 19 29.33 8.57 -12.76
C ASN B 19 29.46 7.12 -12.24
N SER B 20 29.16 6.92 -10.93
CA SER B 20 29.22 5.61 -10.28
C SER B 20 27.91 5.21 -9.53
N VAL B 21 27.71 3.90 -9.32
CA VAL B 21 26.57 3.33 -8.59
C VAL B 21 26.77 3.52 -7.09
N VAL B 22 25.76 4.11 -6.43
CA VAL B 22 25.73 4.26 -4.99
C VAL B 22 24.40 3.59 -4.51
N CYS B 23 24.51 2.56 -3.64
CA CYS B 23 23.36 1.84 -3.08
C CYS B 23 23.04 2.37 -1.72
N SER B 24 21.77 2.21 -1.32
CA SER B 24 21.26 2.61 0.00
C SER B 24 20.04 1.74 0.33
N CYS B 25 19.68 1.69 1.58
CA CYS B 25 18.60 0.83 2.09
C CYS B 25 17.51 1.63 2.78
N ALA B 26 16.31 1.05 2.93
CA ALA B 26 15.23 1.73 3.65
C ALA B 26 15.56 1.67 5.12
N ARG B 27 14.79 2.36 5.96
CA ARG B 27 14.98 2.38 7.42
C ARG B 27 14.76 1.00 7.97
N GLY B 28 15.61 0.61 8.90
CA GLY B 28 15.59 -0.70 9.52
C GLY B 28 16.56 -1.67 8.87
N TYR B 29 17.28 -1.20 7.82
CA TYR B 29 18.28 -2.00 7.11
C TYR B 29 19.58 -1.25 7.14
N THR B 30 20.69 -1.98 7.22
CA THR B 30 22.02 -1.37 7.10
C THR B 30 22.68 -1.90 5.83
N LEU B 31 23.38 -1.03 5.11
CA LEU B 31 24.12 -1.41 3.92
C LEU B 31 25.31 -2.30 4.32
N ALA B 32 25.43 -3.45 3.66
CA ALA B 32 26.49 -4.43 3.91
C ALA B 32 27.88 -3.89 3.53
N ASP B 33 28.95 -4.62 3.89
CA ASP B 33 30.34 -4.24 3.57
C ASP B 33 30.57 -4.06 2.08
N ASN B 34 29.95 -4.91 1.25
CA ASN B 34 30.03 -4.87 -0.22
C ASN B 34 29.36 -3.62 -0.82
N GLY B 35 28.68 -2.85 0.03
CA GLY B 35 27.97 -1.63 -0.36
C GLY B 35 26.82 -1.91 -1.33
N LYS B 36 26.28 -3.14 -1.29
CA LYS B 36 25.21 -3.53 -2.23
C LYS B 36 24.01 -4.12 -1.52
N ALA B 37 24.25 -5.11 -0.63
CA ALA B 37 23.19 -5.79 0.13
C ALA B 37 22.69 -4.94 1.28
N CYS B 38 21.45 -5.21 1.70
CA CYS B 38 20.77 -4.52 2.80
C CYS B 38 20.49 -5.51 3.90
N ILE B 39 21.01 -5.28 5.12
CA ILE B 39 20.87 -6.20 6.26
C ILE B 39 19.84 -5.70 7.25
N PRO B 40 18.81 -6.49 7.61
CA PRO B 40 17.85 -6.04 8.64
C PRO B 40 18.56 -5.82 9.99
N THR B 41 18.29 -4.69 10.66
CA THR B 41 18.93 -4.33 11.95
C THR B 41 18.24 -4.99 13.13
N GLY B 42 17.05 -5.51 12.89
CA GLY B 42 16.29 -6.17 13.94
C GLY B 42 15.18 -7.04 13.39
N PRO B 43 14.34 -7.61 14.29
CA PRO B 43 13.22 -8.43 13.82
C PRO B 43 12.17 -7.57 13.11
N TYR B 44 11.38 -8.24 12.26
CA TYR B 44 10.33 -7.66 11.43
C TYR B 44 10.76 -6.44 10.57
N PRO B 45 11.82 -6.56 9.73
CA PRO B 45 12.21 -5.41 8.86
C PRO B 45 11.09 -5.11 7.88
N CYS B 46 11.00 -3.87 7.40
CA CYS B 46 9.93 -3.51 6.48
C CYS B 46 9.99 -4.33 5.20
N GLY B 47 8.81 -4.54 4.61
CA GLY B 47 8.66 -5.20 3.32
C GLY B 47 8.98 -6.67 3.26
N LYS B 48 9.16 -7.34 4.41
CA LYS B 48 9.40 -8.79 4.41
C LYS B 48 8.17 -9.49 4.85
N GLN B 49 7.79 -10.52 4.12
CA GLN B 49 6.62 -11.35 4.48
C GLN B 49 7.06 -12.16 5.73
N THR B 50 6.13 -12.44 6.62
CA THR B 50 6.41 -13.16 7.85
C THR B 50 6.00 -14.65 7.66
N LEU B 51 6.65 -15.33 6.71
CA LEU B 51 6.32 -16.70 6.31
C LEU B 51 6.94 -17.82 7.14
N GLU B 52 8.03 -17.49 7.83
CA GLU B 52 8.73 -18.44 8.68
C GLU B 52 8.13 -18.39 10.11
#